data_1JPD
#
_entry.id   1JPD
#
_cell.length_a   84.203
_cell.length_b   84.203
_cell.length_c   158.881
_cell.angle_alpha   90.00
_cell.angle_beta   90.00
_cell.angle_gamma   90.00
#
_symmetry.space_group_name_H-M   'P 41 21 2'
#
loop_
_entity.id
_entity.type
_entity.pdbx_description
1 polymer 'L-Ala-D/L-Glu Epimerase'
2 water water
#
_entity_poly.entity_id   1
_entity_poly.type   'polypeptide(L)'
_entity_poly.pdbx_seq_one_letter_code
;GSHMRTVKVFEEAWPLHTPFVIARGSRSEARVVVVELEEEGIKGTGECTPYPRYGESDASVMAQIMSVVPQLEKGLTREE
LQKILPAGAARNALDCALWDLAARRQQQSLADLIGITLPETVITAQTVVIGTPDQMANSASTLWQAGAKLLKVKLDNHLI
SERMVAIRTAVPDATLIVDANESWRAEGLAARCQLLADLGVAMLEQPLPAQDDAALENFIHPLPICADESCHTRSNLKAL
KGRYEMVNIKLDKTGGLTEALALATEARAQGFSLMLGCMLCTSRAISAALPLVPQVSFADLDGPTWLAVDVEPALQFTTG
ELHL
;
_entity_poly.pdbx_strand_id   X
#
# COMPACT_ATOMS: atom_id res chain seq x y z
N GLY A 1 1.60 -33.11 -10.07
CA GLY A 1 2.42 -34.01 -10.93
C GLY A 1 3.86 -33.55 -11.14
N SER A 2 4.07 -32.72 -12.15
CA SER A 2 5.40 -32.19 -12.48
C SER A 2 5.96 -31.22 -11.44
N HIS A 3 5.08 -30.70 -10.58
CA HIS A 3 5.48 -29.76 -9.53
C HIS A 3 4.79 -30.06 -8.21
N MET A 4 5.42 -30.86 -7.35
CA MET A 4 4.85 -31.19 -6.04
C MET A 4 5.43 -30.23 -4.99
N ARG A 5 4.59 -29.74 -4.08
CA ARG A 5 5.05 -28.78 -3.06
C ARG A 5 4.57 -29.05 -1.64
N THR A 6 5.27 -28.46 -0.68
CA THR A 6 4.92 -28.57 0.74
C THR A 6 4.54 -27.15 1.19
N VAL A 7 3.49 -27.05 2.01
CA VAL A 7 3.03 -25.74 2.47
C VAL A 7 3.10 -25.57 3.99
N LYS A 8 3.62 -24.43 4.42
CA LYS A 8 3.71 -24.12 5.84
C LYS A 8 3.04 -22.77 6.02
N VAL A 9 2.08 -22.71 6.94
CA VAL A 9 1.36 -21.48 7.21
C VAL A 9 1.51 -21.14 8.67
N PHE A 10 1.98 -19.93 8.96
CA PHE A 10 2.12 -19.52 10.34
C PHE A 10 1.86 -18.04 10.56
N GLU A 11 1.35 -17.74 11.73
CA GLU A 11 0.97 -16.40 12.12
C GLU A 11 2.05 -15.68 12.93
N GLU A 12 2.24 -14.39 12.67
CA GLU A 12 3.24 -13.59 13.37
C GLU A 12 2.75 -12.21 13.80
N ALA A 13 2.84 -11.90 15.10
CA ALA A 13 2.43 -10.59 15.58
C ALA A 13 3.68 -9.78 15.96
N TRP A 14 4.09 -8.88 15.07
CA TRP A 14 5.28 -8.06 15.31
C TRP A 14 4.99 -6.78 16.12
N PRO A 15 5.76 -6.56 17.19
CA PRO A 15 5.60 -5.39 18.05
C PRO A 15 5.84 -4.08 17.28
N LEU A 16 5.17 -3.02 17.71
CA LEU A 16 5.33 -1.71 17.08
C LEU A 16 6.16 -0.80 17.99
N HIS A 17 6.78 0.23 17.42
CA HIS A 17 7.58 1.20 18.18
C HIS A 17 6.72 1.89 19.22
N THR A 18 5.58 2.38 18.77
CA THR A 18 4.62 3.09 19.62
C THR A 18 3.22 2.57 19.27
N PRO A 19 2.26 2.64 20.22
CA PRO A 19 0.88 2.17 20.03
C PRO A 19 0.21 2.75 18.75
N SER A 26 -2.57 -1.43 13.41
CA SER A 26 -3.05 -2.21 14.57
C SER A 26 -2.63 -1.55 15.87
N ARG A 27 -3.34 -1.91 16.95
CA ARG A 27 -3.09 -1.34 18.28
C ARG A 27 -1.64 -1.32 18.72
N SER A 28 -1.12 -2.45 19.18
CA SER A 28 0.24 -2.48 19.64
C SER A 28 1.11 -3.40 18.81
N GLU A 29 0.52 -4.10 17.85
CA GLU A 29 1.28 -5.03 17.00
C GLU A 29 0.74 -5.25 15.60
N ALA A 30 1.63 -5.43 14.63
CA ALA A 30 1.24 -5.66 13.24
C ALA A 30 1.09 -7.15 13.03
N ARG A 31 -0.14 -7.61 12.85
CA ARG A 31 -0.37 -9.04 12.68
C ARG A 31 -0.28 -9.49 11.23
N VAL A 32 0.65 -10.38 10.94
CA VAL A 32 0.83 -10.89 9.59
C VAL A 32 0.77 -12.41 9.52
N VAL A 33 0.39 -12.91 8.35
CA VAL A 33 0.32 -14.34 8.13
C VAL A 33 1.36 -14.69 7.07
N VAL A 34 2.21 -15.66 7.37
CA VAL A 34 3.24 -16.07 6.44
C VAL A 34 2.97 -17.42 5.81
N VAL A 35 3.31 -17.56 4.53
CA VAL A 35 3.14 -18.81 3.82
C VAL A 35 4.44 -19.18 3.13
N GLU A 36 4.98 -20.33 3.51
CA GLU A 36 6.23 -20.81 2.93
C GLU A 36 5.95 -22.02 2.03
N LEU A 37 6.34 -21.90 0.77
CA LEU A 37 6.15 -22.98 -0.21
C LEU A 37 7.49 -23.64 -0.49
N GLU A 38 7.47 -24.94 -0.80
CA GLU A 38 8.71 -25.66 -1.07
C GLU A 38 8.63 -26.58 -2.29
N GLU A 39 9.26 -26.14 -3.37
CA GLU A 39 9.30 -26.89 -4.63
C GLU A 39 10.67 -27.56 -4.66
N GLU A 40 10.86 -28.46 -3.71
CA GLU A 40 12.09 -29.23 -3.54
C GLU A 40 13.37 -28.39 -3.47
N GLY A 41 13.79 -28.09 -2.25
CA GLY A 41 15.01 -27.32 -2.05
C GLY A 41 14.76 -25.85 -2.12
N ILE A 42 13.99 -25.44 -3.11
CA ILE A 42 13.69 -24.03 -3.29
C ILE A 42 12.47 -23.66 -2.45
N LYS A 43 12.59 -22.58 -1.67
CA LYS A 43 11.50 -22.12 -0.82
C LYS A 43 10.90 -20.81 -1.33
N GLY A 44 9.58 -20.72 -1.32
CA GLY A 44 8.91 -19.50 -1.75
C GLY A 44 8.19 -18.94 -0.54
N THR A 45 8.45 -17.69 -0.20
CA THR A 45 7.79 -17.11 0.96
C THR A 45 6.94 -15.90 0.64
N GLY A 46 5.70 -15.94 1.10
CA GLY A 46 4.78 -14.84 0.87
C GLY A 46 4.14 -14.37 2.15
N GLU A 47 4.13 -13.07 2.37
CA GLU A 47 3.53 -12.52 3.58
C GLU A 47 2.28 -11.69 3.24
N CYS A 48 1.41 -11.53 4.22
CA CYS A 48 0.21 -10.72 4.06
C CYS A 48 -0.25 -10.18 5.40
N THR A 49 -1.10 -9.16 5.34
CA THR A 49 -1.63 -8.53 6.54
C THR A 49 -3.13 -8.47 6.49
N PRO A 50 -3.82 -9.38 7.21
CA PRO A 50 -5.29 -9.37 7.20
C PRO A 50 -5.82 -7.95 7.45
N TYR A 51 -6.71 -7.50 6.56
CA TYR A 51 -7.28 -6.15 6.64
C TYR A 51 -8.58 -6.14 7.42
N PRO A 52 -8.53 -5.72 8.70
CA PRO A 52 -9.74 -5.67 9.53
C PRO A 52 -10.92 -5.00 8.83
N ARG A 53 -10.68 -3.80 8.31
CA ARG A 53 -11.73 -3.04 7.64
C ARG A 53 -12.45 -3.75 6.49
N TYR A 54 -11.97 -4.93 6.10
CA TYR A 54 -12.61 -5.67 5.01
C TYR A 54 -13.08 -7.06 5.45
N GLY A 55 -13.19 -7.25 6.76
CA GLY A 55 -13.66 -8.52 7.29
C GLY A 55 -12.66 -9.66 7.31
N GLU A 56 -11.41 -9.36 7.65
CA GLU A 56 -10.39 -10.40 7.71
C GLU A 56 -9.70 -10.33 9.07
N SER A 57 -9.30 -11.48 9.55
CA SER A 57 -8.59 -11.61 10.82
C SER A 57 -7.53 -12.65 10.50
N ASP A 58 -6.57 -12.88 11.39
CA ASP A 58 -5.56 -13.88 11.10
C ASP A 58 -6.22 -15.25 10.94
N ALA A 59 -7.20 -15.55 11.79
CA ALA A 59 -7.91 -16.84 11.72
C ALA A 59 -8.64 -16.97 10.39
N SER A 60 -9.34 -15.91 10.02
CA SER A 60 -10.10 -15.84 8.78
C SER A 60 -9.26 -16.09 7.53
N VAL A 61 -8.08 -15.45 7.48
CA VAL A 61 -7.18 -15.59 6.35
C VAL A 61 -6.46 -16.94 6.35
N MET A 62 -6.10 -17.44 7.53
CA MET A 62 -5.43 -18.73 7.59
C MET A 62 -6.38 -19.81 7.10
N ALA A 63 -7.65 -19.69 7.46
CA ALA A 63 -8.65 -20.65 7.01
C ALA A 63 -8.73 -20.67 5.48
N GLN A 64 -8.73 -19.50 4.86
CA GLN A 64 -8.80 -19.42 3.40
C GLN A 64 -7.60 -20.08 2.75
N ILE A 65 -6.41 -19.89 3.34
CA ILE A 65 -5.21 -20.48 2.78
C ILE A 65 -5.24 -22.00 2.87
N MET A 66 -5.55 -22.51 4.07
CA MET A 66 -5.63 -23.95 4.27
C MET A 66 -6.57 -24.54 3.23
N SER A 67 -7.74 -23.92 3.10
CA SER A 67 -8.75 -24.38 2.16
C SER A 67 -8.18 -24.66 0.79
N VAL A 68 -7.02 -24.11 0.48
CA VAL A 68 -6.46 -24.35 -0.84
C VAL A 68 -5.07 -24.99 -0.79
N VAL A 69 -4.69 -25.47 0.39
CA VAL A 69 -3.40 -26.14 0.56
C VAL A 69 -3.30 -27.39 -0.33
N PRO A 70 -4.35 -28.25 -0.34
CA PRO A 70 -4.34 -29.46 -1.17
C PRO A 70 -4.02 -29.15 -2.63
N GLN A 71 -4.68 -28.13 -3.17
CA GLN A 71 -4.48 -27.72 -4.56
C GLN A 71 -3.10 -27.07 -4.77
N LEU A 72 -2.53 -26.54 -3.70
CA LEU A 72 -1.22 -25.90 -3.75
C LEU A 72 -0.11 -26.95 -3.89
N GLU A 73 -0.36 -28.14 -3.34
CA GLU A 73 0.59 -29.25 -3.38
C GLU A 73 0.68 -29.95 -4.74
N LYS A 74 -0.43 -29.98 -5.48
CA LYS A 74 -0.44 -30.62 -6.79
C LYS A 74 0.20 -29.70 -7.85
N GLY A 75 0.54 -28.48 -7.44
CA GLY A 75 1.19 -27.54 -8.36
C GLY A 75 0.40 -26.32 -8.82
N LEU A 76 -0.53 -25.84 -7.99
CA LEU A 76 -1.35 -24.68 -8.32
C LEU A 76 -0.52 -23.49 -8.78
N THR A 77 -0.68 -23.10 -10.04
CA THR A 77 0.07 -21.95 -10.55
C THR A 77 -0.60 -20.66 -10.13
N ARG A 78 0.06 -19.55 -10.40
CA ARG A 78 -0.46 -18.23 -10.07
C ARG A 78 -1.70 -17.94 -10.91
N GLU A 79 -1.69 -18.35 -12.17
CA GLU A 79 -2.83 -18.10 -13.03
C GLU A 79 -4.07 -18.83 -12.51
N GLU A 80 -3.87 -20.04 -11.99
CA GLU A 80 -4.98 -20.84 -11.47
C GLU A 80 -5.48 -20.30 -10.13
N LEU A 81 -4.58 -19.72 -9.34
CA LEU A 81 -4.93 -19.18 -8.03
C LEU A 81 -5.92 -18.01 -8.08
N GLN A 82 -5.86 -17.22 -9.14
CA GLN A 82 -6.74 -16.06 -9.31
C GLN A 82 -8.22 -16.43 -9.37
N LYS A 83 -8.51 -17.65 -9.83
CA LYS A 83 -9.88 -18.10 -9.95
C LYS A 83 -10.39 -18.85 -8.73
N ILE A 84 -9.48 -19.33 -7.90
CA ILE A 84 -9.85 -20.07 -6.68
C ILE A 84 -10.25 -19.16 -5.51
N LEU A 85 -9.35 -18.29 -5.09
CA LEU A 85 -9.64 -17.40 -3.96
C LEU A 85 -9.98 -15.99 -4.42
N PRO A 86 -10.75 -15.25 -3.61
CA PRO A 86 -11.11 -13.87 -3.98
C PRO A 86 -9.96 -12.93 -3.59
N ALA A 87 -9.96 -11.71 -4.09
CA ALA A 87 -8.91 -10.76 -3.74
C ALA A 87 -8.97 -10.52 -2.24
N GLY A 88 -7.82 -10.52 -1.58
CA GLY A 88 -7.77 -10.31 -0.14
C GLY A 88 -6.41 -10.74 0.40
N ALA A 89 -6.20 -10.62 1.71
CA ALA A 89 -4.92 -10.99 2.30
C ALA A 89 -4.49 -12.43 2.03
N ALA A 90 -5.44 -13.36 2.09
CA ALA A 90 -5.11 -14.77 1.86
C ALA A 90 -4.50 -14.96 0.49
N ARG A 91 -5.20 -14.54 -0.55
CA ARG A 91 -4.65 -14.71 -1.89
C ARG A 91 -3.32 -13.98 -2.03
N ASN A 92 -3.17 -12.86 -1.34
CA ASN A 92 -1.93 -12.09 -1.41
C ASN A 92 -0.73 -12.91 -0.94
N ALA A 93 -0.86 -13.57 0.20
CA ALA A 93 0.23 -14.38 0.71
C ALA A 93 0.59 -15.50 -0.28
N LEU A 94 -0.42 -16.19 -0.80
CA LEU A 94 -0.16 -17.27 -1.74
C LEU A 94 0.43 -16.79 -3.06
N ASP A 95 -0.18 -15.76 -3.64
CA ASP A 95 0.29 -15.22 -4.90
C ASP A 95 1.74 -14.77 -4.76
N CYS A 96 2.05 -14.08 -3.67
CA CYS A 96 3.41 -13.63 -3.46
C CYS A 96 4.34 -14.80 -3.20
N ALA A 97 3.88 -15.79 -2.44
CA ALA A 97 4.71 -16.97 -2.18
C ALA A 97 5.05 -17.67 -3.50
N LEU A 98 4.09 -17.74 -4.42
CA LEU A 98 4.32 -18.37 -5.71
C LEU A 98 5.31 -17.58 -6.57
N TRP A 99 5.23 -16.25 -6.52
CA TRP A 99 6.16 -15.40 -7.27
C TRP A 99 7.58 -15.57 -6.75
N ASP A 100 7.71 -15.64 -5.43
CA ASP A 100 9.01 -15.79 -4.79
C ASP A 100 9.61 -17.12 -5.24
N LEU A 101 8.79 -18.15 -5.25
CA LEU A 101 9.20 -19.49 -5.66
C LEU A 101 9.57 -19.53 -7.14
N ALA A 102 8.77 -18.86 -7.96
CA ALA A 102 9.03 -18.84 -9.40
C ALA A 102 10.33 -18.08 -9.75
N ALA A 103 10.75 -17.17 -8.88
CA ALA A 103 11.97 -16.41 -9.14
C ALA A 103 13.20 -17.13 -8.62
N ARG A 104 13.08 -17.76 -7.47
CA ARG A 104 14.20 -18.49 -6.89
C ARG A 104 14.50 -19.72 -7.73
N ARG A 105 13.47 -20.30 -8.33
CA ARG A 105 13.65 -21.48 -9.16
C ARG A 105 14.30 -21.12 -10.50
N GLN A 106 14.71 -19.85 -10.63
CA GLN A 106 15.37 -19.40 -11.83
C GLN A 106 16.57 -18.57 -11.42
N GLN A 107 16.85 -18.61 -10.12
CA GLN A 107 17.97 -17.89 -9.55
C GLN A 107 18.00 -16.44 -10.05
N GLN A 108 16.88 -15.74 -9.88
CA GLN A 108 16.76 -14.34 -10.28
C GLN A 108 16.04 -13.59 -9.15
N SER A 109 16.10 -12.26 -9.23
CA SER A 109 15.42 -11.43 -8.25
C SER A 109 14.03 -11.19 -8.84
N LEU A 110 13.04 -11.03 -7.97
CA LEU A 110 11.66 -10.80 -8.42
C LEU A 110 11.63 -9.76 -9.55
N ALA A 111 12.43 -8.72 -9.40
CA ALA A 111 12.50 -7.66 -10.39
C ALA A 111 12.93 -8.18 -11.76
N ASP A 112 13.97 -9.01 -11.80
CA ASP A 112 14.45 -9.54 -13.07
C ASP A 112 13.48 -10.54 -13.69
N LEU A 113 12.81 -11.32 -12.85
CA LEU A 113 11.85 -12.29 -13.36
C LEU A 113 10.81 -11.51 -14.16
N ILE A 114 10.30 -10.44 -13.57
CA ILE A 114 9.29 -9.61 -14.23
C ILE A 114 9.95 -8.92 -15.42
N GLY A 115 11.19 -8.46 -15.19
CA GLY A 115 11.91 -7.78 -16.23
C GLY A 115 11.84 -6.27 -16.13
N ILE A 116 11.70 -5.76 -14.91
CA ILE A 116 11.64 -4.31 -14.70
C ILE A 116 12.90 -3.89 -13.94
N THR A 117 13.24 -2.60 -14.03
CA THR A 117 14.43 -2.12 -13.34
C THR A 117 14.07 -1.31 -12.10
N LEU A 118 14.68 -1.66 -10.99
CA LEU A 118 14.42 -0.94 -9.77
C LEU A 118 15.49 0.09 -9.55
N PRO A 119 15.09 1.33 -9.24
CA PRO A 119 16.08 2.39 -9.00
C PRO A 119 16.88 2.06 -7.75
N GLU A 120 17.93 2.81 -7.50
CA GLU A 120 18.76 2.56 -6.33
C GLU A 120 18.14 3.15 -5.06
N THR A 121 17.35 4.20 -5.24
CA THR A 121 16.70 4.86 -4.11
C THR A 121 15.25 5.17 -4.48
N VAL A 122 14.34 4.93 -3.54
CA VAL A 122 12.93 5.18 -3.75
C VAL A 122 12.43 6.17 -2.71
N ILE A 123 11.76 7.23 -3.17
CA ILE A 123 11.21 8.25 -2.27
C ILE A 123 9.93 7.69 -1.66
N THR A 124 9.90 7.64 -0.33
CA THR A 124 8.73 7.12 0.38
C THR A 124 8.12 8.21 1.24
N ALA A 125 6.79 8.18 1.33
CA ALA A 125 6.07 9.18 2.10
C ALA A 125 6.32 9.09 3.60
N GLN A 126 6.68 10.22 4.20
CA GLN A 126 6.90 10.27 5.63
C GLN A 126 5.63 10.82 6.23
N THR A 127 5.14 10.16 7.28
CA THR A 127 3.93 10.60 7.90
C THR A 127 4.13 11.76 8.86
N VAL A 128 3.25 12.76 8.73
CA VAL A 128 3.23 13.91 9.62
C VAL A 128 1.90 13.66 10.29
N VAL A 129 1.94 13.18 11.53
CA VAL A 129 0.73 12.86 12.25
C VAL A 129 -0.06 14.09 12.72
N ILE A 130 -1.35 13.89 12.97
CA ILE A 130 -2.23 14.95 13.44
C ILE A 130 -1.72 15.57 14.74
N GLY A 131 -1.91 16.88 14.87
CA GLY A 131 -1.49 17.62 16.05
C GLY A 131 -1.85 19.06 15.79
N THR A 132 -1.51 19.96 16.71
CA THR A 132 -1.79 21.37 16.50
C THR A 132 -0.99 21.86 15.29
N PRO A 133 -1.42 22.96 14.68
CA PRO A 133 -0.71 23.51 13.51
C PRO A 133 0.78 23.61 13.79
N ASP A 134 1.13 24.20 14.93
CA ASP A 134 2.53 24.34 15.33
C ASP A 134 3.25 22.99 15.36
N GLN A 135 2.69 22.02 16.09
CA GLN A 135 3.31 20.70 16.18
C GLN A 135 3.48 20.05 14.81
N MET A 136 2.46 20.13 13.96
CA MET A 136 2.56 19.53 12.63
C MET A 136 3.60 20.24 11.78
N ALA A 137 3.76 21.54 11.99
CA ALA A 137 4.74 22.30 11.22
C ALA A 137 6.16 21.92 11.64
N ASN A 138 6.41 21.85 12.95
CA ASN A 138 7.74 21.49 13.45
C ASN A 138 8.13 20.11 12.97
N SER A 139 7.19 19.17 13.04
CA SER A 139 7.43 17.81 12.60
C SER A 139 7.79 17.78 11.13
N ALA A 140 7.01 18.48 10.31
CA ALA A 140 7.26 18.54 8.88
C ALA A 140 8.65 19.11 8.59
N SER A 141 9.02 20.15 9.34
CA SER A 141 10.33 20.76 9.15
C SER A 141 11.47 19.80 9.50
N THR A 142 11.35 19.11 10.64
CA THR A 142 12.36 18.17 11.08
C THR A 142 12.52 17.00 10.11
N LEU A 143 11.40 16.48 9.62
CA LEU A 143 11.42 15.37 8.68
C LEU A 143 11.98 15.83 7.34
N TRP A 144 11.75 17.10 6.99
CA TRP A 144 12.28 17.65 5.75
C TRP A 144 13.79 17.78 5.85
N GLN A 145 14.26 18.20 7.03
CA GLN A 145 15.68 18.36 7.31
C GLN A 145 16.38 17.00 7.26
N ALA A 146 15.71 15.97 7.78
CA ALA A 146 16.27 14.62 7.82
C ALA A 146 16.30 13.91 6.47
N GLY A 147 15.74 14.55 5.43
CA GLY A 147 15.79 13.96 4.10
C GLY A 147 14.49 13.59 3.42
N ALA A 148 13.35 13.78 4.09
CA ALA A 148 12.08 13.42 3.47
C ALA A 148 11.58 14.49 2.51
N LYS A 149 11.55 14.15 1.22
CA LYS A 149 11.08 15.08 0.20
C LYS A 149 9.57 15.02 0.02
N LEU A 150 9.00 13.86 0.31
CA LEU A 150 7.56 13.64 0.19
C LEU A 150 6.98 13.44 1.58
N LEU A 151 6.08 14.34 1.98
CA LEU A 151 5.43 14.26 3.28
C LEU A 151 3.96 13.91 3.13
N LYS A 152 3.49 12.94 3.91
CA LYS A 152 2.08 12.57 3.86
C LYS A 152 1.45 13.17 5.10
N VAL A 153 0.67 14.22 4.93
CA VAL A 153 0.03 14.88 6.06
C VAL A 153 -1.29 14.20 6.39
N LYS A 154 -1.39 13.70 7.62
CA LYS A 154 -2.62 13.04 8.08
C LYS A 154 -3.56 14.11 8.63
N LEU A 155 -4.80 14.12 8.18
CA LEU A 155 -5.75 15.12 8.67
C LEU A 155 -7.10 14.51 9.01
N ASP A 156 -7.76 15.09 10.00
CA ASP A 156 -9.09 14.65 10.35
C ASP A 156 -10.00 15.78 9.91
N ASN A 157 -11.10 15.97 10.60
CA ASN A 157 -12.03 17.00 10.23
C ASN A 157 -11.77 18.34 10.92
N HIS A 158 -10.67 18.46 11.64
CA HIS A 158 -10.40 19.69 12.35
C HIS A 158 -9.24 20.55 11.87
N LEU A 159 -9.35 21.84 12.12
CA LEU A 159 -8.35 22.83 11.76
C LEU A 159 -7.64 22.57 10.44
N ILE A 160 -8.39 22.23 9.40
CA ILE A 160 -7.79 21.95 8.10
C ILE A 160 -7.00 23.11 7.52
N SER A 161 -7.50 24.33 7.64
CA SER A 161 -6.78 25.46 7.08
C SER A 161 -5.49 25.82 7.81
N GLU A 162 -5.56 26.11 9.10
CA GLU A 162 -4.34 26.48 9.80
C GLU A 162 -3.28 25.40 9.74
N ARG A 163 -3.65 24.14 9.95
CA ARG A 163 -2.68 23.04 9.89
C ARG A 163 -1.91 23.04 8.56
N MET A 164 -2.64 22.99 7.45
CA MET A 164 -2.00 22.97 6.13
C MET A 164 -1.22 24.25 5.85
N VAL A 165 -1.70 25.39 6.35
CA VAL A 165 -0.97 26.62 6.12
C VAL A 165 0.35 26.60 6.90
N ALA A 166 0.30 26.31 8.19
CA ALA A 166 1.52 26.26 9.01
C ALA A 166 2.54 25.25 8.46
N ILE A 167 2.06 24.11 7.97
CA ILE A 167 2.95 23.08 7.40
C ILE A 167 3.64 23.56 6.11
N ARG A 168 2.86 24.03 5.14
CA ARG A 168 3.42 24.51 3.89
C ARG A 168 4.41 25.67 4.11
N THR A 169 4.08 26.55 5.05
CA THR A 169 4.96 27.69 5.35
C THR A 169 6.30 27.18 5.88
N ALA A 170 6.26 26.05 6.60
CA ALA A 170 7.46 25.45 7.18
C ALA A 170 8.32 24.72 6.16
N VAL A 171 7.68 23.96 5.28
CA VAL A 171 8.41 23.23 4.25
C VAL A 171 7.88 23.65 2.89
N PRO A 172 8.19 24.90 2.49
CA PRO A 172 7.74 25.43 1.20
C PRO A 172 8.18 24.62 -0.01
N ASP A 173 9.25 23.84 0.15
CA ASP A 173 9.76 23.05 -0.96
C ASP A 173 9.36 21.58 -0.92
N ALA A 174 8.81 21.15 0.20
CA ALA A 174 8.40 19.75 0.35
C ALA A 174 7.22 19.42 -0.52
N THR A 175 7.21 18.21 -1.07
CA THR A 175 6.07 17.75 -1.88
C THR A 175 5.09 17.23 -0.82
N LEU A 176 3.86 17.73 -0.81
CA LEU A 176 2.87 17.32 0.17
C LEU A 176 1.67 16.58 -0.37
N ILE A 177 1.28 15.49 0.30
CA ILE A 177 0.08 14.75 -0.06
C ILE A 177 -0.71 14.64 1.23
N VAL A 178 -2.04 14.68 1.15
CA VAL A 178 -2.90 14.62 2.32
C VAL A 178 -3.78 13.38 2.38
N ASP A 179 -3.74 12.70 3.53
CA ASP A 179 -4.55 11.52 3.75
C ASP A 179 -5.65 11.93 4.73
N ALA A 180 -6.83 12.25 4.22
CA ALA A 180 -7.94 12.64 5.08
C ALA A 180 -8.59 11.40 5.67
N ASN A 181 -8.13 10.25 5.22
CA ASN A 181 -8.59 8.95 5.72
C ASN A 181 -10.10 8.82 6.03
N GLU A 182 -10.94 9.12 5.04
CA GLU A 182 -12.40 9.02 5.20
C GLU A 182 -13.06 9.88 6.30
N SER A 183 -12.36 10.90 6.79
CA SER A 183 -12.94 11.72 7.85
C SER A 183 -13.63 13.01 7.39
N TRP A 184 -13.47 13.37 6.12
CA TRP A 184 -14.08 14.59 5.60
C TRP A 184 -15.51 14.37 5.14
N ARG A 185 -16.23 15.46 4.87
CA ARG A 185 -17.62 15.36 4.43
C ARG A 185 -17.89 16.12 3.13
N ALA A 186 -19.03 15.81 2.53
CA ALA A 186 -19.45 16.43 1.26
C ALA A 186 -19.49 17.95 1.40
N GLU A 187 -20.20 18.41 2.42
CA GLU A 187 -20.34 19.83 2.70
C GLU A 187 -18.99 20.54 2.88
N GLY A 188 -18.63 21.39 1.92
CA GLY A 188 -17.38 22.12 2.02
C GLY A 188 -16.17 21.41 1.46
N LEU A 189 -16.38 20.24 0.90
CA LEU A 189 -15.28 19.46 0.36
C LEU A 189 -14.53 20.21 -0.75
N ALA A 190 -15.28 20.92 -1.59
CA ALA A 190 -14.70 21.67 -2.70
C ALA A 190 -13.80 22.81 -2.23
N ALA A 191 -14.32 23.66 -1.34
CA ALA A 191 -13.52 24.76 -0.83
C ALA A 191 -12.20 24.26 -0.19
N ARG A 192 -12.29 23.10 0.46
CA ARG A 192 -11.12 22.50 1.11
C ARG A 192 -10.12 22.06 0.07
N CYS A 193 -10.59 21.36 -0.95
CA CYS A 193 -9.68 20.92 -2.00
C CYS A 193 -9.04 22.16 -2.59
N GLN A 194 -9.83 23.23 -2.70
CA GLN A 194 -9.32 24.48 -3.26
C GLN A 194 -8.19 25.06 -2.42
N LEU A 195 -8.31 24.95 -1.11
CA LEU A 195 -7.25 25.43 -0.22
C LEU A 195 -6.00 24.58 -0.39
N LEU A 196 -6.16 23.26 -0.50
CA LEU A 196 -5.01 22.39 -0.69
C LEU A 196 -4.31 22.78 -1.98
N ALA A 197 -5.09 23.16 -2.98
CA ALA A 197 -4.52 23.57 -4.25
C ALA A 197 -3.77 24.91 -4.09
N ASP A 198 -4.33 25.84 -3.33
CA ASP A 198 -3.66 27.11 -3.12
C ASP A 198 -2.29 26.91 -2.48
N LEU A 199 -2.13 25.82 -1.73
CA LEU A 199 -0.89 25.50 -1.03
C LEU A 199 0.02 24.55 -1.79
N GLY A 200 -0.36 24.24 -3.02
CA GLY A 200 0.43 23.36 -3.84
C GLY A 200 0.40 21.89 -3.45
N VAL A 201 -0.64 21.45 -2.74
CA VAL A 201 -0.75 20.05 -2.34
C VAL A 201 -0.85 19.22 -3.60
N ALA A 202 0.07 18.28 -3.77
CA ALA A 202 0.10 17.43 -4.96
C ALA A 202 -1.09 16.47 -5.07
N MET A 203 -1.58 15.98 -3.94
CA MET A 203 -2.69 15.03 -3.99
C MET A 203 -3.45 14.89 -2.66
N LEU A 204 -4.75 14.64 -2.76
CA LEU A 204 -5.63 14.45 -1.61
C LEU A 204 -6.13 13.00 -1.66
N GLU A 205 -5.95 12.27 -0.56
CA GLU A 205 -6.34 10.85 -0.52
C GLU A 205 -7.60 10.50 0.26
N GLN A 206 -8.52 9.81 -0.41
CA GLN A 206 -9.78 9.33 0.17
C GLN A 206 -10.39 10.21 1.26
N PRO A 207 -10.85 11.42 0.90
CA PRO A 207 -11.46 12.32 1.87
C PRO A 207 -12.81 11.84 2.39
N LEU A 208 -13.55 11.10 1.56
CA LEU A 208 -14.86 10.62 1.96
C LEU A 208 -14.93 9.10 2.16
N PRO A 209 -15.89 8.62 2.96
CA PRO A 209 -16.06 7.19 3.22
C PRO A 209 -16.26 6.43 1.91
N ALA A 210 -15.65 5.25 1.79
CA ALA A 210 -15.78 4.44 0.59
C ALA A 210 -17.23 4.14 0.20
N GLN A 211 -18.12 4.11 1.18
CA GLN A 211 -19.51 3.80 0.90
C GLN A 211 -20.39 5.03 0.80
N ASP A 212 -19.78 6.19 0.61
CA ASP A 212 -20.52 7.44 0.46
C ASP A 212 -19.62 8.55 -0.07
N ASP A 213 -19.07 8.31 -1.26
CA ASP A 213 -18.16 9.25 -1.90
C ASP A 213 -18.71 9.84 -3.21
N ALA A 214 -20.03 9.86 -3.35
CA ALA A 214 -20.64 10.39 -4.56
C ALA A 214 -20.36 11.88 -4.76
N ALA A 215 -20.36 12.65 -3.68
CA ALA A 215 -20.11 14.09 -3.78
C ALA A 215 -18.85 14.42 -4.58
N LEU A 216 -17.97 13.45 -4.80
CA LEU A 216 -16.74 13.69 -5.56
C LEU A 216 -17.00 13.94 -7.05
N GLU A 217 -18.25 13.78 -7.50
CA GLU A 217 -18.58 13.99 -8.90
C GLU A 217 -19.25 15.35 -9.11
N ASN A 218 -19.55 16.02 -8.00
CA ASN A 218 -20.23 17.31 -8.02
C ASN A 218 -19.34 18.56 -8.10
N PHE A 219 -18.07 18.40 -8.44
CA PHE A 219 -17.20 19.57 -8.55
C PHE A 219 -15.90 19.25 -9.28
N ILE A 220 -15.38 20.22 -10.02
CA ILE A 220 -14.14 20.01 -10.75
C ILE A 220 -13.00 20.00 -9.72
N HIS A 221 -12.34 18.86 -9.60
CA HIS A 221 -11.26 18.69 -8.65
C HIS A 221 -10.09 19.64 -8.89
N PRO A 222 -9.75 20.46 -7.89
CA PRO A 222 -8.63 21.41 -7.99
C PRO A 222 -7.26 20.73 -7.88
N LEU A 223 -7.24 19.50 -7.37
CA LEU A 223 -6.00 18.73 -7.27
C LEU A 223 -6.38 17.28 -7.44
N PRO A 224 -5.42 16.44 -7.79
CA PRO A 224 -5.75 15.02 -7.97
C PRO A 224 -6.29 14.48 -6.65
N ILE A 225 -7.31 13.64 -6.72
CA ILE A 225 -7.89 13.04 -5.53
C ILE A 225 -7.74 11.52 -5.68
N CYS A 226 -7.09 10.90 -4.71
CA CYS A 226 -6.81 9.45 -4.76
C CYS A 226 -7.74 8.51 -4.00
N ALA A 227 -8.03 7.38 -4.62
CA ALA A 227 -8.89 6.36 -4.02
C ALA A 227 -8.00 5.39 -3.24
N ASP A 228 -8.42 5.08 -2.01
CA ASP A 228 -7.69 4.15 -1.16
C ASP A 228 -8.63 3.02 -0.77
N GLU A 229 -9.48 3.26 0.21
CA GLU A 229 -10.43 2.23 0.63
C GLU A 229 -11.39 1.92 -0.52
N SER A 230 -11.64 2.90 -1.39
CA SER A 230 -12.55 2.70 -2.51
C SER A 230 -11.95 1.90 -3.66
N CYS A 231 -10.66 1.63 -3.61
CA CYS A 231 -10.01 0.88 -4.68
C CYS A 231 -9.39 -0.46 -4.24
N HIS A 232 -9.92 -1.57 -4.74
CA HIS A 232 -9.37 -2.89 -4.40
C HIS A 232 -8.74 -3.57 -5.61
N THR A 233 -9.57 -3.79 -6.63
CA THR A 233 -9.13 -4.45 -7.85
C THR A 233 -9.65 -3.72 -9.09
N ARG A 234 -9.36 -4.26 -10.26
CA ARG A 234 -9.81 -3.66 -11.52
C ARG A 234 -11.33 -3.52 -11.55
N SER A 235 -11.99 -4.38 -10.79
CA SER A 235 -13.44 -4.41 -10.69
C SER A 235 -14.07 -3.08 -10.23
N ASN A 236 -13.35 -2.29 -9.44
CA ASN A 236 -13.88 -1.01 -8.97
C ASN A 236 -13.60 0.14 -9.94
N LEU A 237 -12.71 -0.08 -10.89
CA LEU A 237 -12.35 0.98 -11.84
C LEU A 237 -13.52 1.73 -12.48
N LYS A 238 -14.61 1.03 -12.77
CA LYS A 238 -15.77 1.67 -13.37
C LYS A 238 -16.35 2.69 -12.39
N ALA A 239 -16.62 2.23 -11.18
CA ALA A 239 -17.19 3.08 -10.14
C ALA A 239 -16.31 4.29 -9.87
N LEU A 240 -15.01 4.07 -9.82
CA LEU A 240 -14.06 5.15 -9.55
C LEU A 240 -14.00 6.23 -10.64
N LYS A 241 -14.20 5.84 -11.89
CA LYS A 241 -14.14 6.79 -13.00
C LYS A 241 -15.08 7.98 -12.79
N GLY A 242 -14.53 9.17 -12.64
CA GLY A 242 -15.35 10.35 -12.42
C GLY A 242 -15.40 10.79 -10.97
N ARG A 243 -14.75 10.03 -10.10
CA ARG A 243 -14.70 10.37 -8.68
C ARG A 243 -13.26 10.54 -8.21
N TYR A 244 -12.33 9.85 -8.86
CA TYR A 244 -10.92 9.91 -8.50
C TYR A 244 -9.97 10.02 -9.70
N GLU A 245 -8.84 10.70 -9.50
CA GLU A 245 -7.86 10.84 -10.55
C GLU A 245 -6.77 9.79 -10.36
N MET A 246 -6.60 9.35 -9.11
CA MET A 246 -5.57 8.36 -8.76
C MET A 246 -6.10 7.20 -7.91
N VAL A 247 -5.45 6.05 -8.00
CA VAL A 247 -5.84 4.89 -7.20
C VAL A 247 -4.63 4.45 -6.39
N ASN A 248 -4.86 4.10 -5.13
CA ASN A 248 -3.77 3.63 -4.26
C ASN A 248 -3.76 2.10 -4.30
N ILE A 249 -2.77 1.53 -4.95
CA ILE A 249 -2.65 0.07 -5.05
C ILE A 249 -1.95 -0.55 -3.85
N LYS A 250 -2.58 -1.56 -3.26
CA LYS A 250 -2.02 -2.30 -2.12
C LYS A 250 -2.24 -3.78 -2.38
N LEU A 251 -1.18 -4.56 -2.26
CA LEU A 251 -1.27 -5.99 -2.51
C LEU A 251 -2.31 -6.73 -1.67
N ASP A 252 -2.51 -6.31 -0.42
CA ASP A 252 -3.49 -6.95 0.44
C ASP A 252 -4.92 -6.72 -0.09
N LYS A 253 -5.13 -5.61 -0.80
CA LYS A 253 -6.44 -5.31 -1.35
C LYS A 253 -6.62 -5.94 -2.74
N THR A 254 -5.56 -5.96 -3.55
CA THR A 254 -5.64 -6.54 -4.89
C THR A 254 -5.55 -8.06 -4.80
N GLY A 255 -5.07 -8.54 -3.66
CA GLY A 255 -4.94 -9.96 -3.46
C GLY A 255 -3.73 -10.55 -4.17
N GLY A 256 -2.59 -9.85 -4.12
CA GLY A 256 -1.39 -10.35 -4.76
C GLY A 256 -0.80 -9.45 -5.83
N LEU A 257 0.46 -9.71 -6.17
CA LEU A 257 1.17 -8.93 -7.16
C LEU A 257 0.54 -9.10 -8.54
N THR A 258 0.05 -10.30 -8.85
CA THR A 258 -0.55 -10.53 -10.15
C THR A 258 -1.68 -9.56 -10.47
N GLU A 259 -2.61 -9.37 -9.54
CA GLU A 259 -3.72 -8.46 -9.75
C GLU A 259 -3.22 -7.01 -9.69
N ALA A 260 -2.28 -6.75 -8.80
CA ALA A 260 -1.74 -5.40 -8.67
C ALA A 260 -1.18 -4.95 -10.04
N LEU A 261 -0.38 -5.82 -10.66
CA LEU A 261 0.20 -5.52 -11.97
C LEU A 261 -0.87 -5.26 -13.03
N ALA A 262 -1.86 -6.13 -13.09
CA ALA A 262 -2.94 -5.97 -14.05
C ALA A 262 -3.76 -4.72 -13.75
N LEU A 263 -3.80 -4.34 -12.47
CA LEU A 263 -4.54 -3.16 -12.06
C LEU A 263 -3.79 -1.93 -12.51
N ALA A 264 -2.47 -1.95 -12.37
CA ALA A 264 -1.64 -0.82 -12.77
C ALA A 264 -1.83 -0.57 -14.27
N THR A 265 -1.66 -1.61 -15.06
CA THR A 265 -1.83 -1.54 -16.50
C THR A 265 -3.23 -1.04 -16.85
N GLU A 266 -4.22 -1.75 -16.32
CA GLU A 266 -5.61 -1.41 -16.58
C GLU A 266 -6.01 -0.01 -16.12
N ALA A 267 -5.51 0.41 -14.97
CA ALA A 267 -5.85 1.73 -14.43
C ALA A 267 -5.28 2.83 -15.31
N ARG A 268 -4.01 2.68 -15.66
CA ARG A 268 -3.35 3.67 -16.52
C ARG A 268 -4.16 3.85 -17.79
N ALA A 269 -4.45 2.74 -18.45
CA ALA A 269 -5.20 2.73 -19.69
C ALA A 269 -6.47 3.57 -19.60
N GLN A 270 -7.09 3.60 -18.42
CA GLN A 270 -8.32 4.38 -18.26
C GLN A 270 -8.08 5.81 -17.78
N GLY A 271 -6.82 6.24 -17.79
CA GLY A 271 -6.49 7.59 -17.41
C GLY A 271 -6.21 7.87 -15.94
N PHE A 272 -6.11 6.82 -15.14
CA PHE A 272 -5.82 6.99 -13.72
C PHE A 272 -4.32 7.06 -13.47
N SER A 273 -3.93 7.87 -12.48
CA SER A 273 -2.53 7.95 -12.09
C SER A 273 -2.40 6.90 -10.99
N LEU A 274 -1.19 6.41 -10.73
CA LEU A 274 -1.04 5.37 -9.72
C LEU A 274 -0.22 5.75 -8.50
N MET A 275 -0.49 5.06 -7.41
CA MET A 275 0.23 5.25 -6.16
C MET A 275 0.42 3.84 -5.61
N LEU A 276 1.54 3.58 -4.95
CA LEU A 276 1.76 2.25 -4.38
C LEU A 276 1.76 2.38 -2.87
N GLY A 277 0.86 1.66 -2.20
CA GLY A 277 0.78 1.72 -0.75
C GLY A 277 1.14 0.41 -0.09
N CYS A 278 0.93 0.34 1.21
CA CYS A 278 1.24 -0.88 1.94
C CYS A 278 0.47 -0.82 3.25
N MET A 279 0.48 -1.92 3.98
CA MET A 279 -0.16 -2.01 5.29
C MET A 279 1.03 -2.12 6.25
N LEU A 280 0.77 -2.32 7.54
CA LEU A 280 1.87 -2.52 8.48
C LEU A 280 2.38 -3.91 8.10
N CYS A 281 3.69 -4.06 7.91
CA CYS A 281 4.24 -5.33 7.48
C CYS A 281 5.75 -5.40 7.67
N THR A 282 6.35 -6.53 7.30
CA THR A 282 7.80 -6.69 7.40
C THR A 282 8.34 -6.42 6.00
N SER A 283 9.66 -6.36 5.87
CA SER A 283 10.26 -6.10 4.57
C SER A 283 9.78 -7.07 3.49
N ARG A 284 9.39 -8.26 3.89
CA ARG A 284 8.92 -9.27 2.95
C ARG A 284 7.79 -8.76 2.06
N ALA A 285 6.86 -8.00 2.66
CA ALA A 285 5.74 -7.48 1.90
C ALA A 285 6.12 -6.33 0.98
N ILE A 286 7.08 -5.50 1.41
CA ILE A 286 7.51 -4.38 0.58
C ILE A 286 8.22 -4.94 -0.64
N SER A 287 9.16 -5.85 -0.42
CA SER A 287 9.91 -6.49 -1.50
C SER A 287 8.97 -7.01 -2.57
N ALA A 288 7.88 -7.66 -2.13
CA ALA A 288 6.90 -8.22 -3.06
C ALA A 288 6.17 -7.15 -3.88
N ALA A 289 6.16 -5.92 -3.39
CA ALA A 289 5.48 -4.83 -4.09
C ALA A 289 6.40 -4.01 -5.00
N LEU A 290 7.69 -4.01 -4.73
CA LEU A 290 8.65 -3.23 -5.50
C LEU A 290 8.49 -3.21 -7.03
N PRO A 291 8.22 -4.37 -7.65
CA PRO A 291 8.06 -4.39 -9.11
C PRO A 291 7.16 -3.28 -9.66
N LEU A 292 6.26 -2.76 -8.84
CA LEU A 292 5.35 -1.70 -9.26
C LEU A 292 5.94 -0.29 -9.18
N VAL A 293 6.96 -0.11 -8.36
CA VAL A 293 7.57 1.21 -8.16
C VAL A 293 7.80 2.07 -9.41
N PRO A 294 8.40 1.52 -10.47
CA PRO A 294 8.63 2.34 -11.66
C PRO A 294 7.36 2.84 -12.35
N GLN A 295 6.20 2.33 -11.93
CA GLN A 295 4.93 2.76 -12.53
C GLN A 295 4.13 3.78 -11.73
N VAL A 296 4.54 4.05 -10.50
CA VAL A 296 3.77 4.97 -9.67
C VAL A 296 4.34 6.37 -9.40
N SER A 297 3.42 7.32 -9.21
CA SER A 297 3.73 8.72 -8.93
C SER A 297 4.25 8.90 -7.51
N PHE A 298 3.70 8.12 -6.58
CA PHE A 298 4.11 8.19 -5.19
C PHE A 298 4.26 6.78 -4.64
N ALA A 299 5.24 6.60 -3.76
CA ALA A 299 5.46 5.30 -3.15
C ALA A 299 5.36 5.47 -1.64
N ASP A 300 4.41 4.77 -1.03
CA ASP A 300 4.24 4.82 0.41
C ASP A 300 4.51 3.38 0.88
N LEU A 301 5.80 3.07 1.06
CA LEU A 301 6.20 1.72 1.44
C LEU A 301 6.96 1.60 2.77
N ASP A 302 6.88 2.60 3.63
CA ASP A 302 7.63 2.50 4.88
C ASP A 302 6.97 1.70 6.01
N GLY A 303 5.98 0.87 5.66
CA GLY A 303 5.33 0.07 6.68
C GLY A 303 6.29 -0.58 7.67
N PRO A 304 7.36 -1.23 7.19
CA PRO A 304 8.31 -1.87 8.11
C PRO A 304 8.89 -0.96 9.20
N THR A 305 9.10 0.32 8.90
CA THR A 305 9.70 1.23 9.89
C THR A 305 8.80 1.44 11.11
N TRP A 306 7.54 1.03 11.01
CA TRP A 306 6.61 1.19 12.11
C TRP A 306 6.76 0.05 13.11
N LEU A 307 7.53 -0.97 12.75
CA LEU A 307 7.73 -2.10 13.65
C LEU A 307 9.00 -1.92 14.47
N ALA A 308 8.95 -2.32 15.74
CA ALA A 308 10.11 -2.21 16.63
C ALA A 308 11.32 -2.90 15.99
N VAL A 309 11.08 -4.09 15.45
CA VAL A 309 12.10 -4.86 14.78
C VAL A 309 11.51 -5.35 13.47
N ASP A 310 12.37 -5.81 12.57
CA ASP A 310 11.95 -6.29 11.26
C ASP A 310 12.59 -7.66 11.03
N VAL A 311 12.33 -8.24 9.87
CA VAL A 311 12.92 -9.53 9.56
C VAL A 311 14.42 -9.31 9.41
N GLU A 312 15.14 -10.40 9.22
CA GLU A 312 16.59 -10.34 9.08
C GLU A 312 16.94 -11.21 7.89
N PRO A 313 17.49 -10.62 6.81
CA PRO A 313 17.83 -9.21 6.62
C PRO A 313 16.59 -8.37 6.28
N ALA A 314 16.71 -7.07 6.48
CA ALA A 314 15.62 -6.16 6.20
C ALA A 314 16.03 -5.14 5.16
N LEU A 315 15.04 -4.43 4.61
CA LEU A 315 15.30 -3.40 3.62
C LEU A 315 15.81 -2.19 4.38
N GLN A 316 16.70 -1.41 3.75
CA GLN A 316 17.25 -0.24 4.41
C GLN A 316 16.45 1.03 4.17
N PHE A 317 15.91 1.58 5.27
CA PHE A 317 15.12 2.80 5.25
C PHE A 317 15.79 3.92 6.03
N THR A 318 15.83 5.11 5.44
CA THR A 318 16.36 6.30 6.11
C THR A 318 15.19 7.28 5.97
N THR A 319 15.13 8.31 6.79
CA THR A 319 14.02 9.26 6.73
C THR A 319 13.59 9.64 5.30
N GLY A 320 12.42 9.16 4.88
CA GLY A 320 11.90 9.47 3.57
C GLY A 320 12.48 8.69 2.41
N GLU A 321 13.32 7.71 2.68
CA GLU A 321 13.92 6.93 1.60
C GLU A 321 14.01 5.43 1.84
N LEU A 322 13.93 4.69 0.74
CA LEU A 322 14.03 3.25 0.76
C LEU A 322 15.22 2.95 -0.14
N HIS A 323 16.29 2.44 0.44
CA HIS A 323 17.50 2.13 -0.32
C HIS A 323 17.54 0.69 -0.80
N LEU A 324 17.57 0.52 -2.11
CA LEU A 324 17.60 -0.81 -2.72
C LEU A 324 19.00 -1.17 -3.23
#